data_8IS9
#
_entry.id   8IS9
#
_cell.length_a   50.590
_cell.length_b   65.130
_cell.length_c   170.940
_cell.angle_alpha   90.00
_cell.angle_beta   90.00
_cell.angle_gamma   90.00
#
_symmetry.space_group_name_H-M   'C 2 2 21'
#
loop_
_entity.id
_entity.type
_entity.pdbx_description
1 polymer CrtM
2 non-polymer 'S-[(2E,6E)-3,7,11-TRIMETHYLDODECA-2,6,10-TRIENYL] TRIHYDROGEN THIODIPHOSPHATE'
3 non-polymer 'MAGNESIUM ION'
4 water water
#
_entity_poly.entity_id   1
_entity_poly.type   'polypeptide(L)'
_entity_poly.pdbx_seq_one_letter_code
;MMDLNNAYDHCKNIIEKHSKTFSKAFAMLPKHQKRAVWAIYAFCRRADDIVDEGENPKEELEAFAVEFDLFMEGRLETED
PCWIALQDAFERFPLDPAPFYEMIVGQRMDLYPKTIDTKDDLLHYCYHVASTVGLMLLPVLAPGKVSRVKTGAIELGYAM
QITNILRDIGEDLDNHRIYIPKQMMIEYGYTRTDLHNKKVNEAFIQLWEDLAQDAEHYYRNALATLPEYPVYSRTPVGGA
AKMYRAIIQTVRNNDYQVFGKRNYVSDQMKKQIIAEMQ
;
_entity_poly.pdbx_strand_id   A
#
# COMPACT_ATOMS: atom_id res chain seq x y z
N MET A 2 -12.39 1.14 25.67
CA MET A 2 -11.36 0.18 26.10
C MET A 2 -10.05 0.89 26.42
N ASP A 3 -9.13 0.19 27.09
CA ASP A 3 -7.84 0.76 27.39
C ASP A 3 -6.93 0.67 26.17
N LEU A 4 -5.70 1.17 26.32
CA LEU A 4 -4.81 1.28 25.18
C LEU A 4 -4.45 -0.09 24.60
N ASN A 5 -4.19 -1.07 25.47
CA ASN A 5 -3.84 -2.41 25.01
C ASN A 5 -4.93 -2.98 24.12
N ASN A 6 -6.19 -2.84 24.55
CA ASN A 6 -7.28 -3.39 23.75
C ASN A 6 -7.57 -2.54 22.51
N ALA A 7 -7.31 -1.23 22.56
CA ALA A 7 -7.40 -0.41 21.35
C ALA A 7 -6.37 -0.85 20.31
N TYR A 8 -5.13 -1.09 20.73
CA TYR A 8 -4.13 -1.58 19.78
C TYR A 8 -4.50 -2.98 19.27
N ASP A 9 -5.04 -3.83 20.16
CA ASP A 9 -5.44 -5.17 19.75
C ASP A 9 -6.51 -5.12 18.66
N HIS A 10 -7.43 -4.18 18.77
CA HIS A 10 -8.38 -3.95 17.69
C HIS A 10 -7.69 -3.71 16.37
N CYS A 11 -6.60 -2.93 16.39
CA CYS A 11 -5.88 -2.65 15.15
C CYS A 11 -5.09 -3.85 14.67
N LYS A 12 -4.54 -4.65 15.59
CA LYS A 12 -3.88 -5.89 15.21
C LYS A 12 -4.82 -6.79 14.44
N ASN A 13 -6.09 -6.87 14.87
CA ASN A 13 -7.06 -7.70 14.16
C ASN A 13 -7.32 -7.18 12.74
N ILE A 14 -7.36 -5.86 12.57
CA ILE A 14 -7.60 -5.30 11.24
C ILE A 14 -6.47 -5.69 10.28
N ILE A 15 -5.22 -5.52 10.70
CA ILE A 15 -4.12 -5.86 9.78
C ILE A 15 -4.05 -7.36 9.55
N GLU A 16 -4.31 -8.17 10.58
CA GLU A 16 -4.25 -9.61 10.39
C GLU A 16 -5.32 -10.09 9.41
N LYS A 17 -6.51 -9.49 9.44
CA LYS A 17 -7.57 -9.88 8.53
C LYS A 17 -7.31 -9.41 7.10
N HIS A 18 -6.68 -8.26 6.94
CA HIS A 18 -6.53 -7.69 5.60
C HIS A 18 -5.32 -8.22 4.84
N SER A 19 -4.18 -8.41 5.51
CA SER A 19 -2.95 -8.72 4.77
C SER A 19 -2.07 -9.64 5.58
N LYS A 20 -1.99 -10.91 5.18
CA LYS A 20 -1.03 -11.83 5.79
C LYS A 20 0.39 -11.33 5.61
N THR A 21 0.68 -10.69 4.48
CA THR A 21 2.03 -10.19 4.21
C THR A 21 2.44 -9.10 5.20
N PHE A 22 1.62 -8.04 5.32
CA PHE A 22 2.04 -6.93 6.17
C PHE A 22 1.95 -7.29 7.64
N SER A 23 0.95 -8.09 8.03
CA SER A 23 0.85 -8.47 9.43
C SER A 23 2.04 -9.31 9.84
N LYS A 24 2.41 -10.30 9.02
CA LYS A 24 3.56 -11.15 9.32
C LYS A 24 4.85 -10.34 9.34
N ALA A 25 5.00 -9.40 8.41
CA ALA A 25 6.22 -8.61 8.35
C ALA A 25 6.34 -7.70 9.57
N PHE A 26 5.27 -7.00 9.90
CA PHE A 26 5.37 -6.01 10.97
C PHE A 26 5.29 -6.63 12.36
N ALA A 27 4.78 -7.86 12.50
CA ALA A 27 4.80 -8.52 13.81
C ALA A 27 6.22 -8.72 14.33
N MET A 28 7.20 -8.58 13.47
CA MET A 28 8.59 -8.81 13.78
C MET A 28 9.25 -7.58 14.38
N LEU A 29 8.54 -6.44 14.37
CA LEU A 29 9.05 -5.20 14.98
C LEU A 29 9.02 -5.30 16.50
N PRO A 30 9.82 -4.49 17.20
CA PRO A 30 9.69 -4.39 18.66
C PRO A 30 8.35 -3.78 19.04
N LYS A 31 8.00 -3.94 20.32
CA LYS A 31 6.61 -3.81 20.78
C LYS A 31 5.96 -2.50 20.35
N HIS A 32 6.54 -1.37 20.78
CA HIS A 32 5.84 -0.10 20.59
C HIS A 32 5.84 0.33 19.12
N GLN A 33 6.90 0.01 18.37
CA GLN A 33 6.90 0.27 16.93
C GLN A 33 5.83 -0.55 16.24
N LYS A 34 5.70 -1.82 16.61
CA LYS A 34 4.69 -2.71 16.03
C LYS A 34 3.28 -2.17 16.28
N ARG A 35 3.00 -1.78 17.52
CA ARG A 35 1.68 -1.23 17.83
C ARG A 35 1.41 0.05 17.05
N ALA A 36 2.41 0.96 16.96
CA ALA A 36 2.20 2.17 16.17
C ALA A 36 1.91 1.86 14.70
N VAL A 37 2.59 0.86 14.14
CA VAL A 37 2.33 0.49 12.74
C VAL A 37 0.91 -0.04 12.58
N TRP A 38 0.44 -0.87 13.51
CA TRP A 38 -0.96 -1.31 13.47
C TRP A 38 -1.93 -0.13 13.42
N ALA A 39 -1.71 0.89 14.27
CA ALA A 39 -2.64 2.03 14.30
C ALA A 39 -2.58 2.82 13.00
N ILE A 40 -1.38 3.04 12.47
CA ILE A 40 -1.25 3.78 11.21
C ILE A 40 -1.86 3.00 10.05
N TYR A 41 -1.62 1.69 10.01
CA TYR A 41 -2.24 0.83 9.00
C TYR A 41 -3.75 0.91 9.07
N ALA A 42 -4.32 0.88 10.28
CA ALA A 42 -5.77 0.97 10.42
C ALA A 42 -6.32 2.28 9.86
N PHE A 43 -5.59 3.40 9.99
CA PHE A 43 -6.03 4.65 9.41
C PHE A 43 -6.08 4.57 7.89
N CYS A 44 -5.05 3.98 7.28
CA CYS A 44 -5.02 3.80 5.83
C CYS A 44 -6.14 2.87 5.37
N ARG A 45 -6.40 1.83 6.14
CA ARG A 45 -7.36 0.82 5.75
C ARG A 45 -8.78 1.40 5.77
N ARG A 46 -9.09 2.21 6.79
CA ARG A 46 -10.41 2.83 6.85
C ARG A 46 -10.64 3.80 5.69
N ALA A 47 -9.61 4.58 5.33
CA ALA A 47 -9.77 5.52 4.21
C ALA A 47 -10.02 4.78 2.91
N ASP A 48 -9.20 3.76 2.64
CA ASP A 48 -9.33 3.02 1.39
C ASP A 48 -10.64 2.25 1.33
N ASP A 49 -11.11 1.77 2.47
CA ASP A 49 -12.35 0.99 2.50
C ASP A 49 -13.56 1.88 2.27
N ILE A 50 -13.50 3.12 2.75
CA ILE A 50 -14.58 4.08 2.48
C ILE A 50 -14.75 4.24 0.98
N VAL A 51 -13.64 4.42 0.27
CA VAL A 51 -13.70 4.75 -1.16
C VAL A 51 -13.92 3.50 -2.00
N ASP A 52 -13.31 2.38 -1.63
CA ASP A 52 -13.38 1.17 -2.45
C ASP A 52 -14.57 0.30 -2.13
N GLU A 53 -15.14 0.40 -0.94
CA GLU A 53 -16.25 -0.47 -0.55
C GLU A 53 -17.47 0.26 0.01
N GLY A 54 -17.38 1.57 0.29
CA GLY A 54 -18.48 2.27 0.93
C GLY A 54 -19.61 2.61 -0.03
N GLU A 55 -20.74 3.03 0.56
CA GLU A 55 -21.97 3.28 -0.19
C GLU A 55 -22.09 4.71 -0.70
N ASN A 56 -21.65 5.72 0.06
CA ASN A 56 -21.54 7.07 -0.49
C ASN A 56 -20.13 7.47 -0.11
N PRO A 57 -19.16 7.20 -0.97
CA PRO A 57 -17.76 7.45 -0.58
C PRO A 57 -17.43 8.93 -0.46
N LYS A 58 -18.09 9.83 -1.20
CA LYS A 58 -17.72 11.23 -1.08
C LYS A 58 -18.07 11.74 0.31
N GLU A 59 -19.33 11.58 0.70
CA GLU A 59 -19.79 12.05 2.01
C GLU A 59 -19.02 11.37 3.13
N GLU A 60 -18.77 10.07 3.01
CA GLU A 60 -18.09 9.34 4.08
C GLU A 60 -16.62 9.68 4.17
N LEU A 61 -15.95 9.93 3.04
CA LEU A 61 -14.55 10.32 3.08
C LEU A 61 -14.40 11.76 3.58
N GLU A 62 -15.33 12.64 3.20
CA GLU A 62 -15.27 14.00 3.74
C GLU A 62 -15.42 13.99 5.26
N ALA A 63 -16.30 13.12 5.79
CA ALA A 63 -16.47 13.03 7.24
C ALA A 63 -15.22 12.47 7.90
N PHE A 64 -14.60 11.48 7.26
CA PHE A 64 -13.34 10.95 7.77
C PHE A 64 -12.27 12.03 7.83
N ALA A 65 -12.18 12.87 6.78
CA ALA A 65 -11.21 13.96 6.75
C ALA A 65 -11.49 14.97 7.84
N VAL A 66 -12.77 15.27 8.07
CA VAL A 66 -13.13 16.21 9.14
C VAL A 66 -12.74 15.67 10.50
N GLU A 67 -12.97 14.37 10.74
CA GLU A 67 -12.55 13.77 12.01
C GLU A 67 -11.04 13.80 12.18
N PHE A 68 -10.28 13.55 11.11
CA PHE A 68 -8.83 13.61 11.23
C PHE A 68 -8.37 15.03 11.52
N ASP A 69 -9.05 16.02 10.96
CA ASP A 69 -8.76 17.42 11.29
C ASP A 69 -8.95 17.67 12.78
N LEU A 70 -10.09 17.22 13.32
CA LEU A 70 -10.35 17.35 14.75
C LEU A 70 -9.31 16.60 15.56
N PHE A 71 -8.95 15.40 15.11
CA PHE A 71 -7.92 14.60 15.76
C PHE A 71 -6.60 15.37 15.86
N MET A 72 -6.16 15.98 14.75
CA MET A 72 -4.89 16.72 14.75
C MET A 72 -4.92 17.97 15.61
N GLU A 73 -6.08 18.59 15.79
CA GLU A 73 -6.18 19.71 16.72
C GLU A 73 -6.16 19.26 18.17
N GLY A 74 -6.08 17.96 18.42
CA GLY A 74 -6.09 17.44 19.77
C GLY A 74 -7.43 17.49 20.43
N ARG A 75 -8.52 17.59 19.65
CA ARG A 75 -9.84 17.84 20.19
C ARG A 75 -10.87 16.75 19.84
N LEU A 76 -10.43 15.59 19.34
CA LEU A 76 -11.37 14.51 19.04
C LEU A 76 -11.60 13.69 20.31
N GLU A 77 -12.84 13.72 20.82
CA GLU A 77 -13.26 12.90 21.95
C GLU A 77 -14.09 11.73 21.40
N THR A 78 -13.62 10.50 21.64
CA THR A 78 -14.20 9.35 20.96
C THR A 78 -13.93 8.09 21.77
N GLU A 79 -14.70 7.05 21.46
CA GLU A 79 -14.47 5.70 21.98
C GLU A 79 -14.02 4.75 20.87
N ASP A 80 -13.72 5.28 19.69
CA ASP A 80 -13.33 4.45 18.54
C ASP A 80 -11.93 3.91 18.82
N PRO A 81 -11.74 2.59 18.86
CA PRO A 81 -10.40 2.08 19.20
C PRO A 81 -9.32 2.51 18.22
N CYS A 82 -9.67 2.71 16.95
CA CYS A 82 -8.66 3.11 15.96
C CYS A 82 -8.09 4.48 16.28
N TRP A 83 -8.95 5.43 16.69
CA TRP A 83 -8.47 6.75 17.05
C TRP A 83 -7.70 6.74 18.38
N ILE A 84 -8.13 5.91 19.33
CA ILE A 84 -7.43 5.81 20.61
C ILE A 84 -6.00 5.30 20.39
N ALA A 85 -5.87 4.27 19.55
CA ALA A 85 -4.56 3.74 19.22
C ALA A 85 -3.72 4.77 18.48
N LEU A 86 -4.32 5.44 17.48
CA LEU A 86 -3.59 6.43 16.70
C LEU A 86 -3.18 7.63 17.56
N GLN A 87 -4.02 8.01 18.52
CA GLN A 87 -3.63 9.08 19.43
C GLN A 87 -2.34 8.72 20.16
N ASP A 88 -2.22 7.48 20.63
CA ASP A 88 -1.00 7.09 21.34
C ASP A 88 0.20 7.06 20.41
N ALA A 89 0.01 6.55 19.19
CA ALA A 89 1.12 6.50 18.25
C ALA A 89 1.66 7.90 17.93
N PHE A 90 0.75 8.89 17.74
CA PHE A 90 1.21 10.25 17.45
C PHE A 90 1.88 10.90 18.65
N GLU A 91 1.51 10.50 19.85
CA GLU A 91 2.11 11.08 21.03
C GLU A 91 3.41 10.37 21.38
N ARG A 92 3.57 9.12 20.94
CA ARG A 92 4.73 8.31 21.30
C ARG A 92 5.88 8.45 20.31
N PHE A 93 5.57 8.66 19.03
CA PHE A 93 6.54 8.83 17.96
C PHE A 93 6.28 10.15 17.25
N PRO A 94 7.28 10.74 16.60
CA PRO A 94 7.06 12.01 15.90
C PRO A 94 6.44 11.82 14.51
N LEU A 95 5.22 11.30 14.48
CA LEU A 95 4.53 11.15 13.21
C LEU A 95 4.22 12.51 12.60
N ASP A 96 4.37 12.59 11.27
CA ASP A 96 4.15 13.81 10.50
C ASP A 96 2.77 13.73 9.87
N PRO A 97 1.86 14.67 10.15
CA PRO A 97 0.53 14.58 9.54
C PRO A 97 0.53 14.73 8.03
N ALA A 98 1.58 15.30 7.44
CA ALA A 98 1.51 15.64 6.02
C ALA A 98 1.21 14.44 5.12
N PRO A 99 1.89 13.29 5.22
CA PRO A 99 1.50 12.16 4.37
C PRO A 99 0.11 11.61 4.67
N PHE A 100 -0.39 11.77 5.90
CA PHE A 100 -1.77 11.36 6.19
C PHE A 100 -2.77 12.15 5.37
N TYR A 101 -2.57 13.48 5.31
CA TYR A 101 -3.42 14.31 4.44
C TYR A 101 -3.27 13.92 2.98
N GLU A 102 -2.04 13.62 2.57
CA GLU A 102 -1.79 13.30 1.16
C GLU A 102 -2.48 11.98 0.77
N MET A 103 -2.57 11.03 1.70
CA MET A 103 -3.32 9.80 1.47
C MET A 103 -4.79 10.09 1.18
N ILE A 104 -5.38 11.03 1.91
CA ILE A 104 -6.78 11.36 1.69
C ILE A 104 -6.95 12.01 0.32
N VAL A 105 -5.98 12.83 -0.10
CA VAL A 105 -5.97 13.36 -1.45
C VAL A 105 -5.96 12.22 -2.47
N GLY A 106 -5.16 11.19 -2.21
CA GLY A 106 -5.13 10.05 -3.12
C GLY A 106 -6.45 9.32 -3.20
N GLN A 107 -7.09 9.12 -2.05
CA GLN A 107 -8.37 8.41 -2.04
C GLN A 107 -9.45 9.20 -2.78
N ARG A 108 -9.40 10.54 -2.71
CA ARG A 108 -10.31 11.38 -3.49
C ARG A 108 -10.19 11.10 -4.98
N MET A 109 -9.00 10.68 -5.43
CA MET A 109 -8.77 10.42 -6.85
C MET A 109 -9.65 9.28 -7.37
N ASP A 110 -10.12 8.43 -6.47
CA ASP A 110 -10.89 7.24 -6.84
C ASP A 110 -12.39 7.46 -6.71
N LEU A 111 -12.81 8.71 -6.46
CA LEU A 111 -14.23 8.99 -6.24
C LEU A 111 -14.99 9.13 -7.53
N TYR A 112 -14.32 9.52 -8.61
CA TYR A 112 -14.93 9.91 -9.88
C TYR A 112 -14.19 9.25 -11.02
N PRO A 113 -14.80 9.14 -12.20
CA PRO A 113 -14.13 8.49 -13.33
C PRO A 113 -12.76 9.08 -13.60
N LYS A 114 -11.84 8.20 -13.97
CA LYS A 114 -10.43 8.53 -14.06
C LYS A 114 -9.82 7.70 -15.16
N THR A 115 -8.95 8.31 -15.97
CA THR A 115 -8.14 7.56 -16.93
C THR A 115 -6.68 7.88 -16.66
N ILE A 116 -5.89 6.84 -16.43
CA ILE A 116 -4.45 6.94 -16.37
C ILE A 116 -3.93 7.01 -17.80
N ASP A 117 -3.30 8.13 -18.17
CA ASP A 117 -2.84 8.24 -19.55
C ASP A 117 -1.39 7.80 -19.69
N THR A 118 -0.52 8.27 -18.81
CA THR A 118 0.91 8.07 -18.91
C THR A 118 1.44 7.39 -17.65
N LYS A 119 2.68 6.92 -17.74
CA LYS A 119 3.35 6.38 -16.56
C LYS A 119 3.45 7.45 -15.47
N ASP A 120 3.60 8.72 -15.86
CA ASP A 120 3.69 9.77 -14.86
C ASP A 120 2.37 9.91 -14.11
N ASP A 121 1.25 9.80 -14.84
CA ASP A 121 -0.07 9.76 -14.20
C ASP A 121 -0.15 8.59 -13.23
N LEU A 122 0.33 7.42 -13.66
CA LEU A 122 0.30 6.25 -12.79
C LEU A 122 1.11 6.49 -11.52
N LEU A 123 2.29 7.09 -11.66
CA LEU A 123 3.13 7.30 -10.47
C LEU A 123 2.54 8.35 -9.55
N HIS A 124 1.88 9.36 -10.08
CA HIS A 124 1.20 10.34 -9.26
C HIS A 124 0.14 9.68 -8.39
N TYR A 125 -0.64 8.77 -8.97
CA TYR A 125 -1.63 8.01 -8.20
C TYR A 125 -0.95 7.10 -7.19
N CYS A 126 0.06 6.34 -7.62
CA CYS A 126 0.77 5.46 -6.69
C CYS A 126 1.38 6.23 -5.53
N TYR A 127 1.88 7.45 -5.80
CA TYR A 127 2.46 8.22 -4.71
C TYR A 127 1.42 8.51 -3.65
N HIS A 128 0.22 8.91 -4.06
CA HIS A 128 -0.74 9.39 -3.10
C HIS A 128 -1.45 8.27 -2.36
N VAL A 129 -1.55 7.09 -2.94
CA VAL A 129 -2.25 6.00 -2.25
C VAL A 129 -1.33 4.97 -1.61
N ALA A 130 -0.03 4.94 -1.97
CA ALA A 130 0.88 3.92 -1.46
C ALA A 130 2.15 4.51 -0.87
N SER A 131 2.84 5.38 -1.62
CA SER A 131 4.06 5.98 -1.10
C SER A 131 3.79 6.70 0.22
N THR A 132 2.63 7.36 0.32
CA THR A 132 2.29 8.06 1.56
C THR A 132 2.25 7.12 2.76
N VAL A 133 1.79 5.87 2.57
CA VAL A 133 1.82 4.91 3.67
C VAL A 133 3.24 4.72 4.16
N GLY A 134 4.18 4.56 3.23
CA GLY A 134 5.57 4.42 3.62
C GLY A 134 6.07 5.64 4.40
N LEU A 135 5.70 6.84 3.92
CA LEU A 135 6.11 8.07 4.59
C LEU A 135 5.50 8.18 5.99
N MET A 136 4.25 7.72 6.14
CA MET A 136 3.59 7.70 7.45
C MET A 136 4.39 6.87 8.45
N LEU A 137 4.90 5.72 7.99
CA LEU A 137 5.59 4.77 8.85
C LEU A 137 7.03 5.15 9.14
N LEU A 138 7.66 5.96 8.29
CA LEU A 138 9.11 6.16 8.42
C LEU A 138 9.58 6.63 9.79
N PRO A 139 8.93 7.57 10.47
CA PRO A 139 9.43 7.97 11.80
C PRO A 139 9.43 6.82 12.81
N VAL A 140 8.58 5.81 12.62
CA VAL A 140 8.56 4.64 13.48
C VAL A 140 9.66 3.65 13.08
N LEU A 141 9.83 3.45 11.77
CA LEU A 141 10.77 2.45 11.26
C LEU A 141 12.21 2.93 11.28
N ALA A 142 12.45 4.23 11.11
CA ALA A 142 13.81 4.75 10.98
C ALA A 142 13.94 6.11 11.66
N PRO A 143 13.84 6.14 13.00
CA PRO A 143 13.95 7.42 13.72
C PRO A 143 15.26 8.13 13.41
N GLY A 144 15.17 9.43 13.15
CA GLY A 144 16.34 10.23 12.85
C GLY A 144 16.98 9.99 11.49
N LYS A 145 16.48 9.02 10.71
CA LYS A 145 17.04 8.71 9.41
C LYS A 145 16.03 8.91 8.28
N VAL A 146 14.99 9.73 8.50
CA VAL A 146 13.90 9.83 7.53
C VAL A 146 14.40 10.32 6.17
N SER A 147 15.18 11.40 6.15
CA SER A 147 15.56 11.99 4.87
C SER A 147 16.46 11.09 4.03
N ARG A 148 17.26 10.22 4.65
CA ARG A 148 18.13 9.38 3.83
C ARG A 148 17.45 8.12 3.32
N VAL A 149 16.35 7.69 3.91
CA VAL A 149 15.60 6.54 3.42
C VAL A 149 14.32 6.95 2.71
N LYS A 150 14.00 8.25 2.69
CA LYS A 150 12.72 8.72 2.14
C LYS A 150 12.50 8.29 0.69
N THR A 151 13.49 8.49 -0.16
CA THR A 151 13.29 8.22 -1.58
C THR A 151 13.07 6.73 -1.82
N GLY A 152 13.76 5.88 -1.06
CA GLY A 152 13.53 4.46 -1.16
C GLY A 152 12.14 4.06 -0.71
N ALA A 153 11.62 4.73 0.32
CA ALA A 153 10.28 4.44 0.82
C ALA A 153 9.22 4.85 -0.20
N ILE A 154 9.39 6.01 -0.83
CA ILE A 154 8.48 6.43 -1.89
C ILE A 154 8.51 5.42 -3.05
N GLU A 155 9.71 4.96 -3.43
CA GLU A 155 9.81 4.01 -4.53
C GLU A 155 9.27 2.63 -4.14
N LEU A 156 9.40 2.25 -2.85
CA LEU A 156 8.75 1.02 -2.40
C LEU A 156 7.24 1.14 -2.54
N GLY A 157 6.70 2.31 -2.23
CA GLY A 157 5.30 2.60 -2.54
C GLY A 157 4.93 2.38 -4.00
N TYR A 158 5.72 2.96 -4.92
CA TYR A 158 5.48 2.71 -6.34
C TYR A 158 5.50 1.22 -6.64
N ALA A 159 6.54 0.52 -6.15
CA ALA A 159 6.69 -0.89 -6.50
C ALA A 159 5.49 -1.70 -6.03
N MET A 160 5.06 -1.46 -4.78
CA MET A 160 3.95 -2.22 -4.24
C MET A 160 2.63 -1.88 -4.95
N GLN A 161 2.36 -0.59 -5.18
CA GLN A 161 1.09 -0.27 -5.83
C GLN A 161 1.05 -0.78 -7.27
N ILE A 162 2.16 -0.68 -8.01
CA ILE A 162 2.17 -1.24 -9.36
C ILE A 162 1.93 -2.74 -9.32
N THR A 163 2.55 -3.43 -8.36
CA THR A 163 2.34 -4.86 -8.19
C THR A 163 0.88 -5.18 -7.92
N ASN A 164 0.26 -4.40 -7.01
CA ASN A 164 -1.16 -4.54 -6.72
C ASN A 164 -1.99 -4.41 -8.00
N ILE A 165 -1.71 -3.35 -8.77
CA ILE A 165 -2.44 -3.09 -10.02
C ILE A 165 -2.27 -4.26 -10.99
N LEU A 166 -1.04 -4.77 -11.14
CA LEU A 166 -0.79 -5.85 -12.08
C LEU A 166 -1.50 -7.13 -11.67
N ARG A 167 -1.66 -7.38 -10.37
CA ARG A 167 -2.36 -8.57 -9.90
C ARG A 167 -3.87 -8.43 -10.10
N ASP A 168 -4.38 -7.20 -10.09
CA ASP A 168 -5.80 -6.93 -9.92
C ASP A 168 -6.46 -6.43 -11.19
N ILE A 169 -5.83 -6.61 -12.36
CA ILE A 169 -6.37 -5.99 -13.57
C ILE A 169 -7.81 -6.41 -13.80
N GLY A 170 -8.11 -7.70 -13.61
CA GLY A 170 -9.47 -8.18 -13.85
C GLY A 170 -10.44 -7.75 -12.76
N GLU A 171 -10.01 -7.85 -11.50
CA GLU A 171 -10.86 -7.39 -10.40
C GLU A 171 -11.19 -5.91 -10.53
N ASP A 172 -10.22 -5.09 -10.94
CA ASP A 172 -10.51 -3.67 -11.10
C ASP A 172 -11.39 -3.41 -12.31
N LEU A 173 -11.19 -4.17 -13.39
CA LEU A 173 -12.03 -4.01 -14.56
C LEU A 173 -13.49 -4.33 -14.23
N ASP A 174 -13.72 -5.39 -13.45
CA ASP A 174 -15.08 -5.72 -13.03
C ASP A 174 -15.71 -4.60 -12.20
N ASN A 175 -14.89 -3.78 -11.55
CA ASN A 175 -15.36 -2.62 -10.79
C ASN A 175 -15.28 -1.32 -11.60
N HIS A 176 -15.13 -1.42 -12.93
CA HIS A 176 -15.13 -0.25 -13.80
C HIS A 176 -13.96 0.69 -13.52
N ARG A 177 -12.80 0.11 -13.18
CA ARG A 177 -11.57 0.87 -13.00
C ARG A 177 -10.45 0.29 -13.87
N ILE A 178 -9.68 1.18 -14.49
CA ILE A 178 -8.50 0.78 -15.26
C ILE A 178 -7.33 1.67 -14.83
N TYR A 179 -6.26 1.03 -14.34
CA TYR A 179 -5.06 1.75 -13.94
C TYR A 179 -3.90 1.59 -14.90
N ILE A 180 -3.98 0.64 -15.83
CA ILE A 180 -3.00 0.52 -16.92
C ILE A 180 -2.93 1.82 -17.72
N PRO A 181 -1.76 2.39 -17.97
CA PRO A 181 -1.71 3.65 -18.75
C PRO A 181 -2.22 3.46 -20.17
N LYS A 182 -3.07 4.40 -20.61
CA LYS A 182 -3.60 4.37 -21.97
C LYS A 182 -2.49 4.43 -23.00
N GLN A 183 -1.46 5.24 -22.76
CA GLN A 183 -0.38 5.34 -23.73
C GLN A 183 0.37 4.03 -23.89
N MET A 184 0.31 3.18 -22.87
CA MET A 184 0.97 1.88 -22.92
C MET A 184 0.13 0.89 -23.70
N MET A 185 -1.21 0.92 -23.52
CA MET A 185 -2.08 0.12 -24.38
C MET A 185 -1.92 0.53 -25.84
N ILE A 186 -1.73 1.81 -26.12
CA ILE A 186 -1.52 2.25 -27.49
C ILE A 186 -0.16 1.76 -28.00
N GLU A 187 0.88 1.92 -27.20
CA GLU A 187 2.22 1.49 -27.59
C GLU A 187 2.24 0.02 -28.00
N TYR A 188 1.54 -0.82 -27.26
CA TYR A 188 1.59 -2.27 -27.45
C TYR A 188 0.39 -2.80 -28.23
N GLY A 189 -0.55 -1.94 -28.63
CA GLY A 189 -1.66 -2.40 -29.44
C GLY A 189 -2.68 -3.23 -28.71
N TYR A 190 -2.85 -3.01 -27.41
CA TYR A 190 -3.81 -3.74 -26.59
C TYR A 190 -5.01 -2.83 -26.38
N THR A 191 -6.10 -3.12 -27.07
CA THR A 191 -7.20 -2.17 -27.14
C THR A 191 -8.12 -2.30 -25.93
N ARG A 192 -9.05 -1.35 -25.81
CA ARG A 192 -10.06 -1.50 -24.77
C ARG A 192 -10.91 -2.74 -25.02
N THR A 193 -11.17 -3.08 -26.29
CA THR A 193 -11.94 -4.29 -26.56
C THR A 193 -11.18 -5.55 -26.14
N ASP A 194 -9.87 -5.59 -26.35
CA ASP A 194 -9.06 -6.70 -25.88
C ASP A 194 -9.19 -6.85 -24.36
N LEU A 195 -9.06 -5.74 -23.64
CA LEU A 195 -9.15 -5.77 -22.19
C LEU A 195 -10.54 -6.23 -21.75
N HIS A 196 -11.58 -5.71 -22.41
CA HIS A 196 -12.96 -6.03 -22.07
C HIS A 196 -13.24 -7.52 -22.26
N ASN A 197 -12.65 -8.13 -23.28
CA ASN A 197 -12.74 -9.56 -23.51
C ASN A 197 -11.77 -10.37 -22.64
N LYS A 198 -11.04 -9.71 -21.74
CA LYS A 198 -10.14 -10.39 -20.81
C LYS A 198 -9.10 -11.23 -21.53
N LYS A 199 -8.49 -10.65 -22.58
CA LYS A 199 -7.55 -11.38 -23.44
C LYS A 199 -6.13 -11.32 -22.89
N VAL A 200 -5.54 -12.49 -22.66
CA VAL A 200 -4.13 -12.58 -22.28
C VAL A 200 -3.34 -12.99 -23.52
N ASN A 201 -2.99 -12.03 -24.37
CA ASN A 201 -2.24 -12.28 -25.59
C ASN A 201 -0.83 -11.73 -25.46
N GLU A 202 -0.08 -11.77 -26.57
CA GLU A 202 1.33 -11.38 -26.49
C GLU A 202 1.48 -9.88 -26.27
N ALA A 203 0.53 -9.09 -26.77
CA ALA A 203 0.56 -7.66 -26.49
C ALA A 203 0.29 -7.37 -25.02
N PHE A 204 -0.67 -8.11 -24.43
CA PHE A 204 -0.92 -7.96 -23.00
C PHE A 204 0.33 -8.26 -22.19
N ILE A 205 1.01 -9.36 -22.53
CA ILE A 205 2.18 -9.79 -21.76
C ILE A 205 3.30 -8.77 -21.89
N GLN A 206 3.48 -8.20 -23.08
CA GLN A 206 4.46 -7.13 -23.26
C GLN A 206 4.15 -5.96 -22.35
N LEU A 207 2.90 -5.53 -22.31
CA LEU A 207 2.54 -4.39 -21.47
C LEU A 207 2.72 -4.73 -20.00
N TRP A 208 2.23 -5.90 -19.59
CA TRP A 208 2.34 -6.33 -18.21
C TRP A 208 3.80 -6.39 -17.78
N GLU A 209 4.65 -6.97 -18.63
CA GLU A 209 6.06 -7.10 -18.25
C GLU A 209 6.78 -5.75 -18.20
N ASP A 210 6.38 -4.82 -19.06
CA ASP A 210 6.91 -3.46 -19.00
C ASP A 210 6.65 -2.83 -17.62
N LEU A 211 5.40 -2.89 -17.17
CA LEU A 211 5.09 -2.35 -15.84
C LEU A 211 5.78 -3.16 -14.75
N ALA A 212 5.84 -4.48 -14.90
CA ALA A 212 6.43 -5.31 -13.86
C ALA A 212 7.91 -5.00 -13.69
N GLN A 213 8.60 -4.74 -14.80
CA GLN A 213 10.01 -4.41 -14.74
C GLN A 213 10.24 -3.03 -14.10
N ASP A 214 9.31 -2.09 -14.29
CA ASP A 214 9.41 -0.84 -13.54
C ASP A 214 9.27 -1.11 -12.05
N ALA A 215 8.29 -1.93 -11.67
CA ALA A 215 8.14 -2.29 -10.26
C ALA A 215 9.40 -2.97 -9.72
N GLU A 216 9.98 -3.89 -10.50
CA GLU A 216 11.20 -4.57 -10.06
C GLU A 216 12.35 -3.59 -9.85
N HIS A 217 12.44 -2.57 -10.72
CA HIS A 217 13.43 -1.52 -10.55
C HIS A 217 13.21 -0.75 -9.26
N TYR A 218 11.95 -0.41 -8.95
CA TYR A 218 11.68 0.31 -7.71
C TYR A 218 11.94 -0.55 -6.48
N TYR A 219 11.61 -1.85 -6.54
CA TYR A 219 11.93 -2.73 -5.41
C TYR A 219 13.44 -2.77 -5.17
N ARG A 220 14.21 -2.87 -6.25
CA ARG A 220 15.66 -2.93 -6.10
C ARG A 220 16.21 -1.65 -5.47
N ASN A 221 15.71 -0.50 -5.92
CA ASN A 221 16.08 0.78 -5.33
C ASN A 221 15.70 0.84 -3.86
N ALA A 222 14.49 0.39 -3.50
CA ALA A 222 14.08 0.41 -2.10
C ALA A 222 14.96 -0.52 -1.26
N LEU A 223 15.23 -1.72 -1.76
CA LEU A 223 16.03 -2.67 -0.99
C LEU A 223 17.47 -2.19 -0.81
N ALA A 224 17.98 -1.37 -1.74
CA ALA A 224 19.33 -0.85 -1.59
C ALA A 224 19.48 0.08 -0.39
N THR A 225 18.38 0.67 0.10
CA THR A 225 18.40 1.53 1.27
C THR A 225 18.29 0.77 2.57
N LEU A 226 18.06 -0.54 2.54
CA LEU A 226 17.82 -1.30 3.75
C LEU A 226 18.96 -1.20 4.77
N PRO A 227 20.23 -1.09 4.40
CA PRO A 227 21.28 -0.96 5.43
C PRO A 227 21.17 0.32 6.25
N GLU A 228 20.46 1.33 5.75
CA GLU A 228 20.33 2.59 6.50
C GLU A 228 19.21 2.54 7.54
N TYR A 229 18.37 1.52 7.53
CA TYR A 229 17.39 1.34 8.58
C TYR A 229 18.06 0.78 9.83
N PRO A 230 17.53 1.06 11.02
CA PRO A 230 18.06 0.39 12.23
C PRO A 230 17.83 -1.11 12.14
N VAL A 231 18.63 -1.87 12.87
CA VAL A 231 18.65 -3.32 12.65
C VAL A 231 17.27 -3.92 12.85
N TYR A 232 16.48 -3.40 13.81
CA TYR A 232 15.20 -4.04 14.13
C TYR A 232 14.14 -3.85 13.05
N SER A 233 14.37 -2.97 12.08
CA SER A 233 13.44 -2.74 10.99
C SER A 233 13.84 -3.43 9.69
N ARG A 234 15.03 -4.03 9.62
CA ARG A 234 15.53 -4.49 8.33
C ARG A 234 14.76 -5.71 7.85
N THR A 235 14.50 -6.66 8.72
CA THR A 235 13.73 -7.84 8.31
C THR A 235 12.26 -7.48 8.09
N PRO A 236 11.62 -6.68 8.96
CA PRO A 236 10.25 -6.28 8.65
C PRO A 236 10.12 -5.58 7.30
N VAL A 237 10.98 -4.60 7.01
CA VAL A 237 10.82 -3.83 5.78
C VAL A 237 11.27 -4.66 4.58
N GLY A 238 12.43 -5.30 4.69
CA GLY A 238 12.91 -6.13 3.57
C GLY A 238 11.99 -7.30 3.32
N GLY A 239 11.45 -7.89 4.40
CA GLY A 239 10.51 -8.99 4.28
C GLY A 239 9.19 -8.57 3.65
N ALA A 240 8.64 -7.44 4.10
CA ALA A 240 7.46 -6.89 3.44
C ALA A 240 7.73 -6.68 1.96
N ALA A 241 8.87 -6.07 1.64
CA ALA A 241 9.18 -5.77 0.24
C ALA A 241 9.29 -7.04 -0.59
N LYS A 242 10.00 -8.04 -0.09
CA LYS A 242 10.23 -9.23 -0.89
C LYS A 242 8.99 -10.12 -0.98
N MET A 243 8.16 -10.18 0.06
CA MET A 243 6.95 -10.99 -0.11
C MET A 243 5.98 -10.34 -1.06
N TYR A 244 5.94 -9.01 -1.11
CA TYR A 244 5.00 -8.37 -2.02
C TYR A 244 5.54 -8.46 -3.44
N ARG A 245 6.85 -8.27 -3.61
CA ARG A 245 7.48 -8.44 -4.93
C ARG A 245 7.20 -9.81 -5.52
N ALA A 246 7.12 -10.83 -4.66
CA ALA A 246 6.93 -12.20 -5.12
C ALA A 246 5.57 -12.41 -5.79
N ILE A 247 4.61 -11.49 -5.61
CA ILE A 247 3.37 -11.55 -6.37
C ILE A 247 3.65 -11.52 -7.86
N ILE A 248 4.65 -10.74 -8.28
CA ILE A 248 4.99 -10.62 -9.71
C ILE A 248 5.34 -11.98 -10.31
N GLN A 249 6.33 -12.67 -9.73
CA GLN A 249 6.71 -13.98 -10.27
C GLN A 249 5.59 -14.99 -10.12
N THR A 250 4.74 -14.84 -9.12
CA THR A 250 3.57 -15.72 -9.00
C THR A 250 2.66 -15.57 -10.22
N VAL A 251 2.42 -14.33 -10.64
CA VAL A 251 1.57 -14.12 -11.80
C VAL A 251 2.25 -14.69 -13.05
N ARG A 252 3.54 -14.42 -13.21
CA ARG A 252 4.28 -15.02 -14.34
C ARG A 252 4.15 -16.53 -14.36
N ASN A 253 4.32 -17.16 -13.20
CA ASN A 253 4.27 -18.62 -13.14
C ASN A 253 2.89 -19.16 -13.48
N ASN A 254 1.84 -18.37 -13.24
CA ASN A 254 0.49 -18.72 -13.64
C ASN A 254 0.11 -18.16 -15.01
N ASP A 255 1.10 -17.91 -15.89
CA ASP A 255 0.89 -17.51 -17.28
C ASP A 255 0.04 -16.24 -17.43
N TYR A 256 0.24 -15.29 -16.51
CA TYR A 256 -0.35 -13.96 -16.60
C TYR A 256 -1.88 -13.98 -16.53
N GLN A 257 -2.47 -15.03 -15.96
CA GLN A 257 -3.92 -15.14 -15.85
C GLN A 257 -4.38 -14.30 -14.66
N VAL A 258 -4.68 -13.03 -14.91
CA VAL A 258 -5.09 -12.10 -13.88
C VAL A 258 -6.55 -11.67 -14.06
N PHE A 259 -7.35 -12.46 -14.77
CA PHE A 259 -8.77 -12.18 -14.95
C PHE A 259 -9.65 -13.17 -14.19
N GLY A 260 -9.11 -13.83 -13.17
CA GLY A 260 -9.90 -14.71 -12.32
C GLY A 260 -9.71 -14.43 -10.84
N ASN A 263 -4.27 -14.00 -7.56
CA ASN A 263 -2.96 -14.64 -7.44
C ASN A 263 -2.37 -14.34 -6.05
N TYR A 264 -1.90 -15.37 -5.36
CA TYR A 264 -1.41 -15.27 -3.99
C TYR A 264 -0.02 -15.88 -3.90
N VAL A 265 0.86 -15.22 -3.15
CA VAL A 265 2.07 -15.90 -2.71
C VAL A 265 1.66 -16.89 -1.61
N SER A 266 2.16 -18.11 -1.71
CA SER A 266 1.74 -19.16 -0.79
C SER A 266 2.24 -18.86 0.63
N ASP A 267 1.50 -19.37 1.62
CA ASP A 267 1.91 -19.25 3.02
C ASP A 267 3.34 -19.76 3.20
N GLN A 268 3.68 -20.87 2.56
CA GLN A 268 5.02 -21.44 2.68
C GLN A 268 6.07 -20.54 2.05
N MET A 269 5.75 -19.93 0.90
CA MET A 269 6.71 -19.03 0.27
C MET A 269 6.96 -17.80 1.14
N LYS A 270 5.93 -17.29 1.81
CA LYS A 270 6.13 -16.17 2.72
C LYS A 270 7.09 -16.55 3.84
N LYS A 271 6.94 -17.77 4.36
CA LYS A 271 7.84 -18.23 5.43
C LYS A 271 9.27 -18.38 4.93
N GLN A 272 9.44 -18.86 3.69
CA GLN A 272 10.77 -18.92 3.10
C GLN A 272 11.41 -17.54 3.02
N ILE A 273 10.65 -16.55 2.53
CA ILE A 273 11.21 -15.21 2.39
C ILE A 273 11.59 -14.63 3.76
N ILE A 274 10.72 -14.81 4.76
CA ILE A 274 11.02 -14.31 6.10
C ILE A 274 12.26 -15.00 6.66
N ALA A 275 12.37 -16.32 6.46
CA ALA A 275 13.51 -17.04 7.01
C ALA A 275 14.81 -16.56 6.38
N GLU A 276 14.80 -16.30 5.06
CA GLU A 276 16.01 -15.82 4.39
C GLU A 276 16.43 -14.44 4.90
N MET A 277 15.46 -13.54 5.09
CA MET A 277 15.76 -12.25 5.69
C MET A 277 16.38 -12.41 7.08
N GLN A 278 15.77 -13.24 7.92
CA GLN A 278 16.25 -13.39 9.30
C GLN A 278 17.70 -13.86 9.34
#